data_5CT2
#
_entry.id   5CT2
#
_cell.length_a   54.095
_cell.length_b   63.435
_cell.length_c   57.363
_cell.angle_alpha   90.00
_cell.angle_beta   95.87
_cell.angle_gamma   90.00
#
_symmetry.space_group_name_H-M   'P 1 21 1'
#
loop_
_entity.id
_entity.type
_entity.pdbx_description
1 polymer 'Hepatocyte growth factor'
2 non-polymer '3-CYCLOHEXYL-1-PROPYLSULFONIC ACID'
3 water water
#
_entity_poly.entity_id   1
_entity_poly.type   'polypeptide(L)'
_entity_poly.pdbx_seq_one_letter_code
;YVEGQRKRRNTIHEFKKSAKTTLIKIDPALKIKTKKVNTADQCANRCTRNKGLPFTCKAFVFDKARKQCLWFPFNSMSSG
VKKEFGHEFDLYENKDYIRNCIIGKGRSYKGTVSITKSGIKCQPWSSMIPHEHSFLPSSYRGKDLQENYCRNPRGEEGGP
WCFTSNPEVRYEVCDIPQCSEVE
;
_entity_poly.pdbx_strand_id   A,B
#
loop_
_chem_comp.id
_chem_comp.type
_chem_comp.name
_chem_comp.formula
CXS non-polymer '3-CYCLOHEXYL-1-PROPYLSULFONIC ACID' 'C9 H19 N O3 S'
#
# COMPACT_ATOMS: atom_id res chain seq x y z
N THR A 11 -6.81 13.12 1.80
CA THR A 11 -6.03 12.03 2.48
C THR A 11 -6.86 10.75 2.78
N ILE A 12 -8.18 10.91 2.82
CA ILE A 12 -9.12 9.81 3.07
C ILE A 12 -9.05 8.68 2.01
N HIS A 13 -8.53 9.01 0.83
CA HIS A 13 -8.41 8.05 -0.26
C HIS A 13 -7.35 7.01 0.03
N GLU A 14 -6.47 7.28 0.99
CA GLU A 14 -5.41 6.33 1.34
C GLU A 14 -5.89 5.17 2.24
N PHE A 15 -7.18 5.17 2.52
CA PHE A 15 -7.80 4.19 3.41
C PHE A 15 -8.85 3.38 2.68
N LYS A 16 -8.98 2.12 3.08
CA LYS A 16 -10.10 1.32 2.67
C LYS A 16 -11.19 1.43 3.75
N LYS A 17 -12.39 1.76 3.31
CA LYS A 17 -13.53 2.01 4.20
C LYS A 17 -14.38 0.72 4.33
N SER A 18 -14.72 0.35 5.57
CA SER A 18 -15.75 -0.66 5.80
C SER A 18 -16.94 0.00 6.50
N ALA A 19 -18.06 0.17 5.80
CA ALA A 19 -19.21 0.85 6.39
C ALA A 19 -19.82 0.06 7.54
N LYS A 20 -20.44 0.77 8.48
CA LYS A 20 -21.17 0.17 9.61
C LYS A 20 -20.33 -0.80 10.44
N THR A 21 -19.06 -0.46 10.58
CA THR A 21 -18.11 -1.37 11.15
C THR A 21 -17.25 -0.63 12.14
N THR A 22 -17.04 -1.23 13.30
CA THR A 22 -16.03 -0.73 14.21
C THR A 22 -15.14 -1.85 14.70
N LEU A 23 -14.11 -1.50 15.49
CA LEU A 23 -13.23 -2.49 16.10
C LEU A 23 -13.25 -2.38 17.63
N ILE A 24 -13.07 -3.52 18.32
CA ILE A 24 -13.01 -3.55 19.78
C ILE A 24 -11.80 -4.37 20.25
N LYS A 25 -11.04 -3.81 21.19
CA LYS A 25 -9.87 -4.51 21.71
C LYS A 25 -10.27 -5.61 22.71
N ILE A 26 -9.84 -6.83 22.45
CA ILE A 26 -9.98 -7.91 23.44
C ILE A 26 -8.74 -7.90 24.33
N ASP A 27 -7.63 -7.44 23.76
CA ASP A 27 -6.39 -7.14 24.50
C ASP A 27 -6.46 -5.68 24.99
N PRO A 28 -6.70 -5.47 26.30
CA PRO A 28 -6.90 -4.11 26.82
C PRO A 28 -5.61 -3.31 26.95
N ALA A 29 -4.46 -3.92 26.66
CA ALA A 29 -3.15 -3.26 26.72
C ALA A 29 -2.89 -2.32 25.52
N LEU A 30 -3.43 -2.71 24.38
CA LEU A 30 -3.36 -1.95 23.12
C LEU A 30 -3.85 -0.51 23.26
N LYS A 31 -3.05 0.42 22.73
CA LYS A 31 -3.37 1.84 22.82
C LYS A 31 -4.54 2.26 21.93
N ILE A 32 -5.29 3.24 22.39
CA ILE A 32 -6.34 3.89 21.60
C ILE A 32 -6.20 5.41 21.82
N LYS A 33 -6.77 6.21 20.93
CA LYS A 33 -6.86 7.65 21.14
C LYS A 33 -8.10 8.15 20.45
N THR A 34 -8.88 8.97 21.16
CA THR A 34 -10.14 9.46 20.64
C THR A 34 -10.14 10.96 20.66
N LYS A 35 -10.99 11.56 19.82
CA LYS A 35 -11.21 12.98 19.84
C LYS A 35 -12.43 13.36 19.03
N LYS A 36 -13.21 14.29 19.57
CA LYS A 36 -14.35 14.88 18.86
C LYS A 36 -13.78 15.74 17.76
N VAL A 37 -14.34 15.60 16.57
CA VAL A 37 -13.82 16.24 15.37
C VAL A 37 -15.06 16.68 14.58
N ASN A 38 -14.92 17.19 13.37
CA ASN A 38 -16.13 17.47 12.59
C ASN A 38 -16.48 16.47 11.51
N THR A 39 -15.46 16.05 10.74
CA THR A 39 -15.63 15.13 9.63
C THR A 39 -14.60 13.97 9.62
N ALA A 40 -14.95 12.86 8.96
CA ALA A 40 -14.08 11.70 8.85
C ALA A 40 -12.76 12.08 8.19
N ASP A 41 -12.82 13.07 7.29
CA ASP A 41 -11.64 13.64 6.65
C ASP A 41 -10.61 14.09 7.67
N GLN A 42 -11.07 14.63 8.79
CA GLN A 42 -10.17 15.17 9.79
C GLN A 42 -9.47 14.08 10.61
N CYS A 43 -10.16 12.93 10.77
CA CYS A 43 -9.55 11.75 11.37
C CYS A 43 -8.41 11.25 10.47
N ALA A 44 -8.70 11.15 9.17
CA ALA A 44 -7.78 10.61 8.16
C ALA A 44 -6.49 11.44 8.11
N ASN A 45 -6.67 12.75 8.09
CA ASN A 45 -5.57 13.71 8.19
C ASN A 45 -4.65 13.43 9.38
N ARG A 46 -5.21 13.43 10.59
CA ARG A 46 -4.40 13.12 11.75
C ARG A 46 -3.72 11.76 11.66
N CYS A 47 -4.41 10.76 11.11
CA CYS A 47 -3.87 9.40 11.00
C CYS A 47 -2.68 9.32 10.03
N THR A 48 -2.88 9.83 8.80
CA THR A 48 -1.82 9.91 7.80
C THR A 48 -0.59 10.66 8.32
N ARG A 49 -0.79 11.84 8.90
CA ARG A 49 0.30 12.64 9.46
C ARG A 49 0.83 12.05 10.77
N ASN A 50 0.04 11.18 11.39
CA ASN A 50 0.43 10.50 12.63
C ASN A 50 0.88 11.45 13.76
N LYS A 51 0.48 12.70 13.68
CA LYS A 51 0.98 13.68 14.64
C LYS A 51 0.24 13.56 15.96
N GLY A 52 0.99 13.58 17.04
CA GLY A 52 0.42 13.51 18.38
C GLY A 52 -0.32 12.20 18.66
N LEU A 53 0.11 11.13 18.00
CA LEU A 53 -0.40 9.80 18.32
C LEU A 53 0.77 9.00 18.85
N PRO A 54 0.65 8.46 20.08
CA PRO A 54 1.74 7.74 20.71
C PRO A 54 1.87 6.28 20.20
N PHE A 55 1.58 6.08 18.92
CA PHE A 55 1.68 4.77 18.29
C PHE A 55 1.65 5.00 16.80
N THR A 56 1.91 3.95 16.03
CA THR A 56 1.76 3.97 14.58
C THR A 56 0.30 3.77 14.20
N CYS A 57 -0.34 4.77 13.58
CA CYS A 57 -1.77 4.69 13.19
C CYS A 57 -2.00 3.82 11.97
N LYS A 58 -2.79 2.76 12.14
CA LYS A 58 -3.06 1.78 11.08
C LYS A 58 -4.52 1.82 10.59
N ALA A 59 -5.40 2.35 11.45
CA ALA A 59 -6.80 2.44 11.12
C ALA A 59 -7.42 3.44 12.07
N PHE A 60 -8.58 3.98 11.69
CA PHE A 60 -9.41 4.70 12.64
C PHE A 60 -10.86 4.42 12.35
N VAL A 61 -11.70 4.66 13.36
CA VAL A 61 -13.14 4.63 13.18
C VAL A 61 -13.66 6.07 13.34
N PHE A 62 -14.57 6.49 12.46
CA PHE A 62 -15.33 7.70 12.71
C PHE A 62 -16.71 7.32 13.28
N ASP A 63 -17.00 7.77 14.49
CA ASP A 63 -18.33 7.61 15.05
C ASP A 63 -19.13 8.81 14.58
N LYS A 64 -19.89 8.60 13.51
CA LYS A 64 -20.73 9.64 12.88
C LYS A 64 -21.79 10.27 13.79
N ALA A 65 -22.17 9.57 14.86
CA ALA A 65 -23.14 10.09 15.83
C ALA A 65 -22.48 11.13 16.75
N ARG A 66 -21.44 10.72 17.46
CA ARG A 66 -20.74 11.62 18.37
C ARG A 66 -19.71 12.52 17.65
N LYS A 67 -19.55 12.34 16.33
CA LYS A 67 -18.52 13.04 15.54
C LYS A 67 -17.11 12.85 16.12
N GLN A 68 -16.79 11.63 16.54
CA GLN A 68 -15.54 11.34 17.21
C GLN A 68 -14.63 10.43 16.37
N CYS A 69 -13.32 10.69 16.39
CA CYS A 69 -12.37 9.75 15.79
C CYS A 69 -11.87 8.82 16.88
N LEU A 70 -11.72 7.56 16.51
CA LEU A 70 -10.95 6.66 17.34
C LEU A 70 -9.75 6.14 16.52
N TRP A 71 -8.52 6.56 16.84
CA TRP A 71 -7.34 6.13 16.09
C TRP A 71 -6.78 4.87 16.75
N PHE A 72 -6.20 3.95 15.97
CA PHE A 72 -5.78 2.63 16.44
C PHE A 72 -4.42 2.22 15.88
N PRO A 73 -3.55 1.60 16.70
CA PRO A 73 -2.39 0.93 16.16
C PRO A 73 -2.70 -0.51 15.71
N PHE A 74 -3.92 -0.78 15.26
CA PHE A 74 -4.30 -2.13 14.75
C PHE A 74 -5.35 -1.95 13.70
N ASN A 75 -5.62 -3.00 12.92
CA ASN A 75 -6.74 -3.01 11.98
C ASN A 75 -7.50 -4.34 12.15
N SER A 76 -8.45 -4.65 11.28
CA SER A 76 -9.31 -5.83 11.40
C SER A 76 -8.59 -7.19 11.37
N MET A 77 -7.34 -7.20 10.89
CA MET A 77 -6.52 -8.40 10.74
C MET A 77 -5.60 -8.63 11.96
N SER A 78 -5.61 -7.69 12.90
CA SER A 78 -4.72 -7.72 14.04
C SER A 78 -5.25 -8.68 15.12
N SER A 79 -4.34 -9.22 15.94
CA SER A 79 -4.79 -10.02 17.07
C SER A 79 -4.90 -9.13 18.30
N GLY A 80 -5.84 -9.49 19.17
CA GLY A 80 -6.22 -8.65 20.27
C GLY A 80 -7.42 -7.80 19.92
N VAL A 81 -7.94 -7.93 18.70
CA VAL A 81 -9.08 -7.11 18.28
C VAL A 81 -10.17 -7.91 17.61
N LYS A 82 -11.37 -7.33 17.61
CA LYS A 82 -12.55 -7.94 17.01
C LYS A 82 -13.37 -6.89 16.24
N LYS A 83 -13.83 -7.29 15.06
CA LYS A 83 -14.72 -6.48 14.23
C LYS A 83 -16.12 -6.48 14.85
N GLU A 84 -16.95 -5.50 14.48
CA GLU A 84 -18.34 -5.43 14.95
C GLU A 84 -19.23 -4.57 14.05
N PHE A 85 -20.48 -4.97 13.86
CA PHE A 85 -21.46 -4.12 13.17
C PHE A 85 -21.88 -2.96 14.10
N GLY A 86 -22.27 -1.84 13.51
CA GLY A 86 -22.83 -0.71 14.26
C GLY A 86 -23.08 0.43 13.29
N HIS A 87 -24.35 0.83 13.15
CA HIS A 87 -24.73 1.74 12.05
C HIS A 87 -24.14 3.16 12.13
N GLU A 88 -23.64 3.59 13.28
CA GLU A 88 -23.04 4.94 13.37
C GLU A 88 -21.56 4.98 12.98
N PHE A 89 -20.96 3.81 12.79
CA PHE A 89 -19.52 3.71 12.61
C PHE A 89 -19.12 3.46 11.17
N ASP A 90 -17.99 4.05 10.80
CA ASP A 90 -17.25 3.67 9.59
C ASP A 90 -15.82 3.36 9.96
N LEU A 91 -15.32 2.27 9.41
CA LEU A 91 -13.97 1.87 9.66
C LEU A 91 -13.16 2.25 8.44
N TYR A 92 -11.97 2.78 8.67
CA TYR A 92 -11.06 3.19 7.60
C TYR A 92 -9.73 2.53 7.88
N GLU A 93 -9.27 1.68 6.97
CA GLU A 93 -7.99 1.01 7.24
C GLU A 93 -6.90 1.53 6.28
N ASN A 94 -5.78 1.95 6.84
CA ASN A 94 -4.63 2.45 6.08
C ASN A 94 -4.10 1.30 5.24
N LYS A 95 -4.05 1.51 3.93
CA LYS A 95 -3.62 0.53 2.91
C LYS A 95 -2.26 -0.10 3.20
N ASP A 96 -1.37 0.65 3.87
CA ASP A 96 -0.01 0.17 4.10
C ASP A 96 0.00 -1.00 5.06
N TYR A 97 -1.09 -1.23 5.74
CA TYR A 97 -1.14 -2.33 6.70
C TYR A 97 -2.12 -3.44 6.31
N ILE A 98 -2.60 -3.36 5.08
CA ILE A 98 -3.44 -4.40 4.53
C ILE A 98 -2.58 -5.17 3.53
N ARG A 99 -2.37 -6.44 3.81
CA ARG A 99 -1.43 -7.22 3.05
C ARG A 99 -1.67 -7.03 1.56
N ASN A 100 -0.64 -6.60 0.84
CA ASN A 100 -0.84 -6.31 -0.58
C ASN A 100 -0.19 -7.36 -1.52
N CYS A 101 0.11 -8.54 -0.97
CA CYS A 101 0.56 -9.67 -1.76
C CYS A 101 -0.37 -10.82 -1.41
N ILE A 102 -0.44 -11.85 -2.25
CA ILE A 102 -1.28 -13.00 -1.92
C ILE A 102 -0.50 -14.26 -1.59
N ILE A 103 -1.10 -15.08 -0.74
CA ILE A 103 -0.57 -16.44 -0.52
C ILE A 103 -1.36 -17.40 -1.39
N GLY A 104 -0.69 -18.02 -2.35
CA GLY A 104 -1.31 -18.95 -3.28
C GLY A 104 -2.54 -18.46 -4.01
N LYS A 105 -3.68 -19.07 -3.72
CA LYS A 105 -4.91 -18.76 -4.46
C LYS A 105 -5.49 -17.43 -3.97
N GLY A 106 -4.98 -16.95 -2.84
CA GLY A 106 -5.36 -15.65 -2.32
C GLY A 106 -6.76 -15.61 -1.75
N ARG A 107 -7.17 -16.71 -1.11
CA ARG A 107 -8.51 -16.80 -0.48
C ARG A 107 -8.76 -15.62 0.44
N SER A 108 -7.70 -15.09 1.05
CA SER A 108 -7.90 -14.13 2.12
C SER A 108 -7.47 -12.71 1.73
N TYR A 109 -7.39 -12.46 0.42
CA TYR A 109 -6.98 -11.16 -0.07
C TYR A 109 -8.08 -10.12 0.20
N LYS A 110 -7.69 -9.03 0.88
CA LYS A 110 -8.59 -7.95 1.32
C LYS A 110 -8.08 -6.55 0.93
N GLY A 111 -7.13 -6.51 -0.01
CA GLY A 111 -6.60 -5.25 -0.47
C GLY A 111 -7.55 -4.51 -1.40
N THR A 112 -7.06 -3.38 -1.94
CA THR A 112 -7.93 -2.49 -2.75
C THR A 112 -7.68 -2.40 -4.27
N VAL A 113 -6.90 -3.34 -4.82
CA VAL A 113 -6.66 -3.39 -6.26
C VAL A 113 -7.99 -3.66 -6.99
N SER A 114 -8.33 -2.78 -7.93
CA SER A 114 -9.63 -2.81 -8.63
C SER A 114 -9.48 -2.69 -10.15
N ILE A 115 -8.32 -3.11 -10.64
CA ILE A 115 -7.98 -3.06 -12.06
C ILE A 115 -7.52 -4.46 -12.43
N THR A 116 -7.93 -4.93 -13.61
CA THR A 116 -7.64 -6.31 -14.02
C THR A 116 -6.28 -6.39 -14.72
N LYS A 117 -5.79 -7.61 -14.87
CA LYS A 117 -4.55 -7.87 -15.58
C LYS A 117 -4.37 -7.00 -16.84
N SER A 118 -5.43 -6.86 -17.64
CA SER A 118 -5.31 -6.17 -18.93
C SER A 118 -5.62 -4.68 -18.80
N GLY A 119 -5.83 -4.22 -17.56
CA GLY A 119 -5.93 -2.78 -17.30
C GLY A 119 -7.33 -2.21 -17.23
N ILE A 120 -8.32 -3.08 -17.06
CA ILE A 120 -9.72 -2.66 -17.04
C ILE A 120 -10.28 -2.41 -15.65
N LYS A 121 -10.88 -1.24 -15.45
CA LYS A 121 -11.55 -0.89 -14.20
C LYS A 121 -12.59 -1.96 -13.90
N CYS A 122 -12.61 -2.46 -12.68
CA CYS A 122 -13.56 -3.51 -12.29
C CYS A 122 -14.95 -2.94 -12.18
N GLN A 123 -15.95 -3.77 -12.47
CA GLN A 123 -17.35 -3.45 -12.19
C GLN A 123 -17.61 -3.73 -10.72
N PRO A 124 -18.31 -2.82 -10.02
CA PRO A 124 -18.62 -3.04 -8.61
C PRO A 124 -19.45 -4.30 -8.41
N TRP A 125 -19.14 -5.08 -7.37
CA TRP A 125 -19.91 -6.29 -7.04
C TRP A 125 -21.42 -5.99 -6.92
N SER A 126 -21.75 -4.80 -6.44
CA SER A 126 -23.12 -4.32 -6.29
C SER A 126 -23.85 -4.02 -7.59
N SER A 127 -23.12 -3.61 -8.63
CA SER A 127 -23.73 -3.27 -9.91
C SER A 127 -24.04 -4.48 -10.78
N MET A 128 -25.00 -4.32 -11.69
CA MET A 128 -25.38 -5.39 -12.61
C MET A 128 -25.11 -4.98 -14.08
N ILE A 129 -24.57 -3.77 -14.24
CA ILE A 129 -24.10 -3.22 -15.52
C ILE A 129 -22.56 -3.21 -15.55
N PRO A 130 -21.95 -3.70 -16.65
CA PRO A 130 -22.64 -4.33 -17.78
C PRO A 130 -22.86 -5.82 -17.60
N HIS A 131 -22.59 -6.35 -16.41
CA HIS A 131 -22.72 -7.80 -16.21
C HIS A 131 -23.63 -8.19 -15.06
N GLU A 132 -24.60 -9.03 -15.38
CA GLU A 132 -25.44 -9.64 -14.35
C GLU A 132 -24.76 -10.91 -13.83
N HIS A 133 -24.95 -11.17 -12.54
CA HIS A 133 -24.21 -12.22 -11.84
C HIS A 133 -24.85 -12.59 -10.51
N SER A 134 -24.34 -13.66 -9.90
CA SER A 134 -24.83 -14.20 -8.62
C SER A 134 -23.80 -14.13 -7.47
N PHE A 135 -23.03 -13.04 -7.45
CA PHE A 135 -22.02 -12.80 -6.42
C PHE A 135 -22.37 -11.50 -5.72
N LEU A 136 -23.58 -11.44 -5.15
CA LEU A 136 -24.00 -10.32 -4.31
C LEU A 136 -23.28 -10.47 -2.97
N PRO A 137 -22.82 -9.35 -2.38
CA PRO A 137 -22.24 -9.37 -1.04
C PRO A 137 -22.96 -10.32 -0.07
N SER A 138 -24.27 -10.19 0.06
CA SER A 138 -25.04 -10.93 1.07
C SER A 138 -24.68 -12.42 1.24
N SER A 139 -24.66 -13.18 0.15
CA SER A 139 -24.44 -14.63 0.23
C SER A 139 -22.98 -15.04 0.46
N TYR A 140 -22.05 -14.13 0.17
CA TYR A 140 -20.64 -14.34 0.50
C TYR A 140 -20.22 -13.45 1.65
N ARG A 141 -20.80 -13.73 2.81
CA ARG A 141 -20.41 -13.04 4.03
C ARG A 141 -18.97 -13.33 4.37
N GLY A 142 -18.27 -12.29 4.84
CA GLY A 142 -16.86 -12.39 5.24
C GLY A 142 -15.87 -12.15 4.11
N LYS A 143 -16.32 -12.35 2.87
CA LYS A 143 -15.48 -12.30 1.67
C LYS A 143 -15.15 -10.90 1.15
N ASP A 144 -15.71 -9.88 1.81
CA ASP A 144 -15.42 -8.46 1.53
C ASP A 144 -15.70 -8.04 0.08
N LEU A 145 -16.81 -8.53 -0.48
CA LEU A 145 -17.19 -8.11 -1.85
C LEU A 145 -17.80 -6.71 -1.83
N GLN A 146 -16.95 -5.72 -1.67
CA GLN A 146 -17.37 -4.32 -1.56
C GLN A 146 -16.76 -3.50 -2.70
N GLU A 147 -17.39 -2.39 -3.06
CA GLU A 147 -16.88 -1.52 -4.11
C GLU A 147 -16.60 -2.38 -5.34
N ASN A 148 -15.46 -2.16 -6.00
CA ASN A 148 -15.04 -2.98 -7.16
C ASN A 148 -13.65 -3.60 -6.95
N TYR A 149 -13.39 -4.13 -5.75
CA TYR A 149 -12.08 -4.72 -5.43
C TYR A 149 -11.94 -6.10 -6.03
N CYS A 150 -10.74 -6.42 -6.50
CA CYS A 150 -10.40 -7.77 -6.90
C CYS A 150 -10.55 -8.70 -5.71
N ARG A 151 -11.28 -9.79 -5.89
CA ARG A 151 -11.57 -10.73 -4.81
C ARG A 151 -11.60 -12.16 -5.32
N ASN A 152 -11.30 -13.10 -4.42
CA ASN A 152 -11.44 -14.54 -4.68
C ASN A 152 -12.43 -15.18 -3.68
N PRO A 153 -13.74 -14.81 -3.75
CA PRO A 153 -14.72 -15.25 -2.75
C PRO A 153 -14.78 -16.76 -2.55
N ARG A 154 -14.74 -17.52 -3.64
CA ARG A 154 -14.86 -18.96 -3.50
C ARG A 154 -13.52 -19.61 -3.22
N GLY A 155 -12.47 -18.80 -3.07
CA GLY A 155 -11.14 -19.32 -2.79
C GLY A 155 -10.67 -20.30 -3.84
N GLU A 156 -10.89 -19.96 -5.11
CA GLU A 156 -10.61 -20.92 -6.19
C GLU A 156 -9.29 -20.67 -6.92
N GLU A 157 -8.80 -21.72 -7.58
CA GLU A 157 -7.67 -21.65 -8.52
C GLU A 157 -7.82 -20.46 -9.44
N GLY A 158 -6.76 -19.68 -9.58
CA GLY A 158 -6.76 -18.51 -10.46
C GLY A 158 -6.54 -17.19 -9.75
N GLY A 159 -6.85 -17.18 -8.45
CA GLY A 159 -6.62 -16.02 -7.59
C GLY A 159 -7.68 -14.95 -7.74
N PRO A 160 -7.43 -13.78 -7.12
CA PRO A 160 -8.47 -12.76 -7.10
C PRO A 160 -8.89 -12.26 -8.50
N TRP A 161 -10.15 -11.87 -8.64
CA TRP A 161 -10.70 -11.40 -9.93
C TRP A 161 -11.85 -10.42 -9.71
N CYS A 162 -12.39 -9.89 -10.81
CA CYS A 162 -13.59 -9.07 -10.77
C CYS A 162 -14.35 -9.16 -12.11
N PHE A 163 -15.62 -8.77 -12.08
CA PHE A 163 -16.36 -8.42 -13.28
C PHE A 163 -15.87 -7.07 -13.81
N THR A 164 -15.83 -6.96 -15.12
CA THR A 164 -15.14 -5.88 -15.79
C THR A 164 -16.10 -4.78 -16.21
N SER A 165 -15.64 -3.53 -16.18
CA SER A 165 -16.45 -2.39 -16.66
C SER A 165 -16.57 -2.38 -18.20
N ASN A 166 -15.76 -3.19 -18.86
CA ASN A 166 -15.87 -3.39 -20.30
C ASN A 166 -16.90 -4.47 -20.65
N PRO A 167 -18.00 -4.09 -21.36
CA PRO A 167 -19.07 -4.99 -21.80
C PRO A 167 -18.55 -6.17 -22.61
N GLU A 168 -17.53 -5.91 -23.43
CA GLU A 168 -16.82 -6.93 -24.18
C GLU A 168 -16.25 -8.01 -23.29
N VAL A 169 -15.84 -7.61 -22.08
CA VAL A 169 -15.10 -8.48 -21.18
C VAL A 169 -15.84 -8.66 -19.86
N ARG A 170 -16.53 -9.79 -19.72
CA ARG A 170 -17.35 -10.07 -18.54
C ARG A 170 -16.53 -10.00 -17.23
N TYR A 171 -15.44 -10.75 -17.18
CA TYR A 171 -14.58 -10.79 -16.00
C TYR A 171 -13.14 -11.06 -16.40
N GLU A 172 -12.20 -10.69 -15.52
CA GLU A 172 -10.78 -11.01 -15.70
C GLU A 172 -10.05 -11.09 -14.33
N VAL A 173 -9.10 -12.02 -14.22
CA VAL A 173 -8.21 -12.05 -13.06
C VAL A 173 -7.50 -10.72 -12.84
N CYS A 174 -7.13 -10.48 -11.58
CA CYS A 174 -6.27 -9.37 -11.26
C CYS A 174 -4.83 -9.85 -11.12
N ASP A 175 -3.91 -8.92 -11.27
CA ASP A 175 -2.50 -9.23 -11.37
C ASP A 175 -1.81 -8.91 -10.03
N ILE A 176 -2.23 -9.60 -8.96
CA ILE A 176 -1.66 -9.35 -7.62
C ILE A 176 -0.50 -10.29 -7.32
N PRO A 177 0.68 -9.75 -6.95
CA PRO A 177 1.87 -10.58 -6.84
C PRO A 177 1.79 -11.55 -5.67
N GLN A 178 2.41 -12.73 -5.80
CA GLN A 178 2.51 -13.66 -4.69
C GLN A 178 3.43 -13.05 -3.63
N CYS A 179 3.18 -13.31 -2.37
CA CYS A 179 4.11 -12.89 -1.32
C CYS A 179 5.53 -13.51 -1.51
N SER A 180 5.58 -14.65 -2.19
CA SER A 180 6.86 -15.34 -2.43
C SER A 180 7.59 -14.85 -3.68
N GLU A 181 6.98 -13.95 -4.44
CA GLU A 181 7.55 -13.52 -5.72
C GLU A 181 8.92 -12.88 -5.57
N VAL A 182 9.04 -12.03 -4.54
CA VAL A 182 10.24 -11.20 -4.37
C VAL A 182 11.06 -11.62 -3.13
N GLU A 183 12.38 -11.48 -3.26
CA GLU A 183 13.40 -11.78 -2.23
C GLU A 183 12.92 -12.17 -0.81
N ASN B 10 -4.96 14.47 -8.07
CA ASN B 10 -3.48 14.73 -8.01
C ASN B 10 -2.78 13.70 -7.11
N THR B 11 -1.95 12.84 -7.71
CA THR B 11 -1.51 11.62 -7.01
C THR B 11 0.00 11.32 -6.96
N ILE B 12 0.84 12.16 -7.55
CA ILE B 12 2.27 11.85 -7.69
C ILE B 12 3.00 11.57 -6.35
N HIS B 13 2.54 12.25 -5.30
CA HIS B 13 3.02 12.06 -3.93
C HIS B 13 2.75 10.66 -3.34
N GLU B 14 1.85 9.89 -3.94
CA GLU B 14 1.53 8.53 -3.47
C GLU B 14 2.49 7.41 -3.96
N PHE B 15 3.42 7.75 -4.84
CA PHE B 15 4.34 6.74 -5.37
C PHE B 15 5.65 6.80 -4.60
N LYS B 16 6.37 5.68 -4.52
CA LYS B 16 7.71 5.67 -3.99
C LYS B 16 8.67 6.19 -5.08
N LYS B 17 9.34 7.30 -4.82
CA LYS B 17 10.19 7.90 -5.85
C LYS B 17 11.62 7.44 -5.76
N SER B 18 12.20 7.08 -6.90
CA SER B 18 13.66 6.92 -6.98
C SER B 18 14.25 7.81 -8.05
N ALA B 19 15.03 8.81 -7.65
CA ALA B 19 15.63 9.78 -8.61
C ALA B 19 16.73 9.21 -9.52
N LYS B 20 16.91 9.86 -10.66
CA LYS B 20 17.97 9.55 -11.61
C LYS B 20 17.96 8.06 -11.99
N THR B 21 16.76 7.47 -12.06
CA THR B 21 16.62 6.02 -12.32
C THR B 21 15.51 5.67 -13.30
N THR B 22 15.80 4.71 -14.17
CA THR B 22 14.78 4.12 -14.99
C THR B 22 14.95 2.61 -14.93
N LEU B 23 14.07 1.89 -15.62
CA LEU B 23 14.13 0.43 -15.63
C LEU B 23 14.34 -0.01 -17.07
N ILE B 24 15.11 -1.07 -17.27
CA ILE B 24 15.23 -1.69 -18.59
C ILE B 24 14.70 -3.13 -18.55
N LYS B 25 14.01 -3.55 -19.61
CA LYS B 25 13.58 -4.95 -19.78
C LYS B 25 14.74 -5.87 -20.13
N ILE B 26 14.99 -6.90 -19.32
CA ILE B 26 15.86 -8.02 -19.75
C ILE B 26 15.07 -8.92 -20.72
N ASP B 27 13.98 -9.53 -20.23
CA ASP B 27 13.01 -10.26 -21.05
C ASP B 27 12.31 -9.31 -22.02
N PRO B 28 12.44 -9.57 -23.35
CA PRO B 28 11.88 -8.63 -24.33
C PRO B 28 10.37 -8.82 -24.55
N ALA B 29 9.75 -9.71 -23.79
CA ALA B 29 8.31 -9.98 -23.89
C ALA B 29 7.45 -8.99 -23.09
N LEU B 30 8.04 -8.41 -22.05
CA LEU B 30 7.34 -7.48 -21.14
C LEU B 30 6.78 -6.25 -21.89
N LYS B 31 5.59 -5.79 -21.48
CA LYS B 31 4.98 -4.60 -22.09
C LYS B 31 5.58 -3.29 -21.57
N ILE B 32 5.44 -2.23 -22.37
CA ILE B 32 5.80 -0.87 -21.99
C ILE B 32 4.89 0.03 -22.81
N LYS B 33 4.42 1.13 -22.21
CA LYS B 33 3.71 2.12 -22.98
C LYS B 33 4.41 3.44 -22.74
N THR B 34 4.67 4.19 -23.81
CA THR B 34 5.29 5.49 -23.69
C THR B 34 4.43 6.56 -24.35
N LYS B 35 4.49 7.77 -23.83
CA LYS B 35 3.79 8.90 -24.42
C LYS B 35 4.48 10.19 -24.06
N LYS B 36 4.64 11.06 -25.05
CA LYS B 36 5.13 12.41 -24.82
C LYS B 36 4.10 13.16 -23.99
N VAL B 37 4.58 13.83 -22.95
CA VAL B 37 3.73 14.48 -21.95
C VAL B 37 4.40 15.79 -21.51
N ASN B 38 3.67 16.66 -20.81
CA ASN B 38 4.29 17.85 -20.21
C ASN B 38 4.99 17.63 -18.87
N THR B 39 4.27 17.05 -17.90
CA THR B 39 4.75 16.96 -16.52
C THR B 39 4.57 15.57 -15.86
N ALA B 40 5.40 15.28 -14.86
CA ALA B 40 5.42 13.95 -14.23
C ALA B 40 4.07 13.56 -13.61
N ASP B 41 3.35 14.56 -13.10
CA ASP B 41 2.01 14.33 -12.53
C ASP B 41 0.99 13.79 -13.53
N GLN B 42 1.20 14.08 -14.81
CA GLN B 42 0.39 13.47 -15.86
C GLN B 42 0.66 11.96 -15.93
N CYS B 43 1.92 11.56 -15.85
CA CYS B 43 2.24 10.12 -15.76
C CYS B 43 1.57 9.48 -14.53
N ALA B 44 1.65 10.19 -13.40
CA ALA B 44 1.05 9.72 -12.14
C ALA B 44 -0.45 9.57 -12.26
N ASN B 45 -1.13 10.60 -12.75
CA ASN B 45 -2.59 10.53 -12.94
C ASN B 45 -3.03 9.32 -13.77
N ARG B 46 -2.33 9.08 -14.87
CA ARG B 46 -2.69 7.98 -15.76
C ARG B 46 -2.38 6.62 -15.15
N CYS B 47 -1.34 6.56 -14.33
CA CYS B 47 -1.03 5.30 -13.66
C CYS B 47 -2.10 4.96 -12.60
N THR B 48 -2.38 5.92 -11.70
CA THR B 48 -3.37 5.77 -10.63
C THR B 48 -4.70 5.32 -11.21
N ARG B 49 -5.08 5.95 -12.32
CA ARG B 49 -6.38 5.74 -12.93
C ARG B 49 -6.32 4.59 -13.90
N ASN B 50 -5.12 4.23 -14.33
CA ASN B 50 -4.89 3.11 -15.26
C ASN B 50 -5.68 3.21 -16.58
N LYS B 51 -5.94 4.45 -17.03
CA LYS B 51 -6.73 4.63 -18.25
C LYS B 51 -5.89 4.48 -19.50
N GLY B 52 -6.42 3.72 -20.45
CA GLY B 52 -5.75 3.45 -21.72
C GLY B 52 -4.41 2.75 -21.59
N LEU B 53 -4.27 1.94 -20.55
CA LEU B 53 -3.08 1.11 -20.40
C LEU B 53 -3.48 -0.36 -20.53
N PRO B 54 -2.87 -1.07 -21.49
CA PRO B 54 -3.17 -2.48 -21.76
C PRO B 54 -2.71 -3.47 -20.68
N PHE B 55 -2.45 -2.96 -19.47
CA PHE B 55 -1.89 -3.78 -18.36
C PHE B 55 -2.17 -3.03 -17.06
N THR B 56 -1.87 -3.69 -15.94
CA THR B 56 -1.88 -3.07 -14.60
C THR B 56 -0.60 -2.25 -14.39
N CYS B 57 -0.74 -0.93 -14.26
CA CYS B 57 0.37 -0.04 -14.04
C CYS B 57 1.00 -0.13 -12.64
N LYS B 58 2.19 -0.74 -12.54
CA LYS B 58 2.89 -0.89 -11.23
C LYS B 58 3.97 0.15 -10.98
N ALA B 59 4.33 0.89 -12.03
CA ALA B 59 5.38 1.89 -11.85
C ALA B 59 5.40 2.73 -13.11
N PHE B 60 6.01 3.90 -13.06
CA PHE B 60 6.22 4.66 -14.27
C PHE B 60 7.51 5.45 -14.16
N VAL B 61 8.06 5.85 -15.32
CA VAL B 61 9.24 6.72 -15.38
C VAL B 61 8.87 8.01 -16.10
N PHE B 62 9.39 9.12 -15.62
CA PHE B 62 9.22 10.37 -16.34
C PHE B 62 10.60 10.74 -16.78
N ASP B 63 10.71 10.92 -18.09
CA ASP B 63 11.94 11.30 -18.75
C ASP B 63 11.93 12.82 -18.94
N LYS B 64 12.66 13.53 -18.09
CA LYS B 64 12.81 14.98 -18.22
C LYS B 64 13.52 15.43 -19.51
N ALA B 65 14.31 14.56 -20.14
CA ALA B 65 14.96 14.96 -21.42
C ALA B 65 14.03 14.78 -22.62
N ARG B 66 13.46 13.58 -22.77
CA ARG B 66 12.59 13.27 -23.90
C ARG B 66 11.16 13.72 -23.65
N LYS B 67 10.90 14.25 -22.44
CA LYS B 67 9.56 14.69 -22.06
C LYS B 67 8.50 13.59 -22.23
N GLN B 68 8.79 12.37 -21.76
CA GLN B 68 7.83 11.26 -21.88
C GLN B 68 7.54 10.56 -20.57
N CYS B 69 6.38 9.89 -20.51
CA CYS B 69 6.07 8.90 -19.47
C CYS B 69 6.35 7.53 -20.04
N LEU B 70 6.95 6.63 -19.27
CA LEU B 70 6.93 5.23 -19.63
C LEU B 70 6.18 4.49 -18.50
N TRP B 71 5.11 3.79 -18.84
CA TRP B 71 4.33 3.06 -17.83
C TRP B 71 4.65 1.60 -17.94
N PHE B 72 4.86 0.94 -16.78
CA PHE B 72 5.32 -0.43 -16.74
C PHE B 72 4.37 -1.30 -15.94
N PRO B 73 4.14 -2.54 -16.42
CA PRO B 73 3.42 -3.56 -15.66
C PRO B 73 4.36 -4.33 -14.72
N PHE B 74 5.40 -3.64 -14.22
CA PHE B 74 6.42 -4.28 -13.37
C PHE B 74 7.13 -3.22 -12.58
N ASN B 75 7.96 -3.61 -11.64
CA ASN B 75 8.73 -2.60 -10.90
C ASN B 75 10.18 -3.03 -10.71
N SER B 76 10.93 -2.26 -9.92
CA SER B 76 12.35 -2.49 -9.75
C SER B 76 12.63 -3.86 -9.13
N MET B 77 11.64 -4.45 -8.46
CA MET B 77 11.85 -5.74 -7.85
C MET B 77 11.43 -6.91 -8.77
N SER B 78 10.86 -6.60 -9.94
CA SER B 78 10.35 -7.67 -10.83
C SER B 78 11.49 -8.47 -11.45
N SER B 79 11.29 -9.76 -11.70
CA SER B 79 12.38 -10.52 -12.34
C SER B 79 12.49 -10.12 -13.81
N GLY B 80 13.70 -10.18 -14.37
CA GLY B 80 13.92 -9.78 -15.75
C GLY B 80 13.89 -8.28 -16.02
N VAL B 81 14.06 -7.48 -14.96
CA VAL B 81 14.20 -6.03 -15.11
C VAL B 81 15.40 -5.56 -14.29
N LYS B 82 16.09 -4.55 -14.83
CA LYS B 82 17.29 -4.04 -14.22
C LYS B 82 17.10 -2.54 -14.05
N LYS B 83 17.75 -1.94 -13.05
CA LYS B 83 17.80 -0.47 -12.99
C LYS B 83 18.85 0.07 -13.97
N GLU B 84 18.60 1.26 -14.49
CA GLU B 84 19.56 2.00 -15.28
C GLU B 84 19.66 3.44 -14.74
N PHE B 85 20.87 3.96 -14.62
CA PHE B 85 21.06 5.31 -14.12
C PHE B 85 20.96 6.28 -15.26
N GLY B 86 20.27 7.41 -15.03
CA GLY B 86 20.20 8.49 -16.03
C GLY B 86 19.74 9.78 -15.35
N HIS B 87 20.42 10.90 -15.60
CA HIS B 87 20.07 12.15 -14.94
C HIS B 87 18.68 12.61 -15.33
N GLU B 88 18.26 12.22 -16.52
CA GLU B 88 16.98 12.66 -17.04
C GLU B 88 15.75 11.91 -16.48
N PHE B 89 15.99 10.80 -15.77
CA PHE B 89 14.90 9.89 -15.37
C PHE B 89 14.54 9.97 -13.90
N ASP B 90 13.24 9.99 -13.62
CA ASP B 90 12.76 9.72 -12.27
C ASP B 90 11.82 8.52 -12.26
N LEU B 91 12.02 7.60 -11.33
CA LEU B 91 11.18 6.39 -11.23
C LEU B 91 10.15 6.52 -10.11
N TYR B 92 8.95 6.03 -10.37
CA TYR B 92 7.88 6.10 -9.41
C TYR B 92 7.19 4.74 -9.36
N GLU B 93 7.24 4.11 -8.19
CA GLU B 93 6.67 2.78 -8.03
C GLU B 93 5.39 2.87 -7.15
N ASN B 94 4.32 2.26 -7.66
CA ASN B 94 3.00 2.18 -7.03
C ASN B 94 3.11 1.30 -5.79
N LYS B 95 2.76 1.88 -4.65
CA LYS B 95 2.84 1.19 -3.35
C LYS B 95 2.07 -0.12 -3.29
N ASP B 96 0.97 -0.22 -4.02
CA ASP B 96 0.19 -1.45 -4.04
C ASP B 96 0.96 -2.64 -4.58
N TYR B 97 2.09 -2.36 -5.22
CA TYR B 97 2.94 -3.44 -5.72
C TYR B 97 4.29 -3.52 -5.01
N ILE B 98 4.44 -2.76 -3.94
CA ILE B 98 5.63 -2.91 -3.08
C ILE B 98 5.24 -3.70 -1.81
N ARG B 99 5.73 -4.93 -1.67
CA ARG B 99 5.25 -5.78 -0.58
C ARG B 99 5.23 -5.02 0.77
N ASN B 100 4.07 -4.94 1.40
CA ASN B 100 3.94 -4.09 2.58
C ASN B 100 3.95 -4.89 3.87
N CYS B 101 4.40 -6.14 3.78
CA CYS B 101 4.66 -6.98 4.96
C CYS B 101 6.07 -7.57 4.89
N ILE B 102 6.54 -8.09 6.01
CA ILE B 102 7.90 -8.51 6.17
C ILE B 102 8.07 -10.02 6.12
N ILE B 103 9.09 -10.47 5.39
CA ILE B 103 9.51 -11.86 5.44
C ILE B 103 10.67 -12.00 6.43
N GLY B 104 10.49 -12.87 7.43
CA GLY B 104 11.53 -13.13 8.45
C GLY B 104 11.90 -11.89 9.25
N LYS B 105 13.18 -11.51 9.24
CA LYS B 105 13.66 -10.31 9.96
C LYS B 105 13.43 -9.03 9.14
N GLY B 106 12.93 -9.20 7.93
CA GLY B 106 12.69 -8.11 7.00
C GLY B 106 13.92 -7.46 6.42
N ARG B 107 14.93 -8.24 6.05
CA ARG B 107 16.12 -7.68 5.39
C ARG B 107 15.78 -7.11 4.04
N SER B 108 14.82 -7.73 3.36
CA SER B 108 14.43 -7.32 2.03
C SER B 108 13.24 -6.32 2.04
N TYR B 109 12.89 -5.80 3.20
CA TYR B 109 11.82 -4.82 3.26
C TYR B 109 12.14 -3.57 2.41
N LYS B 110 11.21 -3.17 1.55
CA LYS B 110 11.42 -2.04 0.61
C LYS B 110 10.27 -1.06 0.63
N GLY B 111 9.39 -1.24 1.60
CA GLY B 111 8.15 -0.46 1.74
C GLY B 111 8.44 0.95 2.20
N THR B 112 7.39 1.75 2.41
CA THR B 112 7.62 3.15 2.75
C THR B 112 7.13 3.58 4.16
N VAL B 113 6.91 2.62 5.07
CA VAL B 113 6.62 2.98 6.48
C VAL B 113 7.81 3.75 7.06
N SER B 114 7.55 4.90 7.67
CA SER B 114 8.60 5.80 8.11
C SER B 114 8.26 6.34 9.49
N ILE B 115 7.58 5.53 10.27
CA ILE B 115 7.26 5.90 11.63
C ILE B 115 7.55 4.70 12.50
N THR B 116 8.15 4.97 13.65
CA THR B 116 8.41 3.96 14.69
C THR B 116 7.17 3.47 15.44
N LYS B 117 7.35 2.41 16.22
CA LYS B 117 6.28 1.73 16.97
C LYS B 117 5.49 2.67 17.91
N SER B 118 6.20 3.61 18.54
CA SER B 118 5.57 4.56 19.45
C SER B 118 5.26 5.90 18.75
N GLY B 119 5.22 5.86 17.42
CA GLY B 119 4.69 6.97 16.65
C GLY B 119 5.63 8.10 16.30
N ILE B 120 6.93 7.87 16.42
CA ILE B 120 7.91 8.88 16.13
C ILE B 120 8.30 8.85 14.64
N LYS B 121 8.24 9.99 13.99
CA LYS B 121 8.71 10.09 12.60
C LYS B 121 10.20 9.78 12.53
N CYS B 122 10.59 8.88 11.63
CA CYS B 122 11.99 8.51 11.47
C CYS B 122 12.84 9.67 10.99
N GLN B 123 14.09 9.68 11.45
CA GLN B 123 15.17 10.53 10.89
C GLN B 123 15.64 9.95 9.57
N PRO B 124 15.92 10.82 8.56
CA PRO B 124 16.52 10.38 7.30
C PRO B 124 17.87 9.67 7.49
N TRP B 125 18.12 8.64 6.71
CA TRP B 125 19.40 7.92 6.76
C TRP B 125 20.55 8.84 6.34
N SER B 126 20.27 9.80 5.46
CA SER B 126 21.28 10.76 4.97
C SER B 126 21.61 11.89 5.98
N SER B 127 20.89 11.94 7.08
CA SER B 127 21.08 12.95 8.12
C SER B 127 21.76 12.46 9.40
N MET B 128 22.44 13.39 10.08
CA MET B 128 23.07 13.18 11.37
C MET B 128 22.34 13.97 12.45
N ILE B 129 21.12 14.39 12.13
CA ILE B 129 20.31 15.17 13.05
C ILE B 129 18.96 14.46 13.25
N PRO B 130 18.57 14.20 14.51
CA PRO B 130 19.29 14.53 15.71
C PRO B 130 20.32 13.50 16.11
N HIS B 131 20.35 12.34 15.45
CA HIS B 131 21.32 11.33 15.87
C HIS B 131 22.42 11.07 14.86
N GLU B 132 23.66 11.06 15.35
CA GLU B 132 24.85 10.73 14.56
C GLU B 132 24.97 9.22 14.50
N HIS B 133 25.38 8.71 13.33
CA HIS B 133 25.38 7.28 13.06
C HIS B 133 26.26 6.94 11.86
N SER B 134 26.47 5.64 11.64
CA SER B 134 27.33 5.15 10.56
C SER B 134 26.58 4.37 9.47
N PHE B 135 25.25 4.42 9.49
CA PHE B 135 24.45 3.74 8.46
C PHE B 135 24.23 4.66 7.27
N LEU B 136 25.32 5.07 6.64
CA LEU B 136 25.24 5.89 5.43
C LEU B 136 24.76 4.99 4.30
N PRO B 137 23.79 5.47 3.48
CA PRO B 137 23.29 4.73 2.32
C PRO B 137 24.45 4.11 1.53
N SER B 138 25.49 4.92 1.27
CA SER B 138 26.63 4.51 0.42
C SER B 138 27.36 3.25 0.89
N SER B 139 27.43 3.04 2.20
CA SER B 139 28.06 1.85 2.78
C SER B 139 27.12 0.66 2.74
N TYR B 140 25.86 0.91 2.39
CA TYR B 140 24.82 -0.12 2.44
C TYR B 140 23.98 -0.19 1.17
N ARG B 141 24.65 -0.21 0.02
CA ARG B 141 23.97 -0.44 -1.25
C ARG B 141 23.21 -1.76 -1.20
N GLY B 142 22.03 -1.77 -1.83
CA GLY B 142 21.19 -2.95 -1.81
C GLY B 142 20.23 -2.95 -0.63
N LYS B 143 20.51 -2.13 0.39
CA LYS B 143 19.65 -2.09 1.58
C LYS B 143 18.57 -0.97 1.50
N ASP B 144 18.57 -0.17 0.42
CA ASP B 144 17.55 0.88 0.17
C ASP B 144 17.36 1.80 1.38
N LEU B 145 18.47 2.37 1.86
CA LEU B 145 18.41 3.31 2.98
C LEU B 145 18.13 4.69 2.41
N GLN B 146 16.92 4.83 1.88
CA GLN B 146 16.47 6.03 1.22
C GLN B 146 15.52 6.72 2.15
N GLU B 147 15.47 8.05 2.00
CA GLU B 147 14.57 8.91 2.70
C GLU B 147 14.70 8.58 4.19
N ASN B 148 13.58 8.32 4.85
CA ASN B 148 13.59 7.98 6.27
C ASN B 148 12.86 6.66 6.49
N TYR B 149 12.97 5.72 5.55
CA TYR B 149 12.20 4.48 5.67
C TYR B 149 12.75 3.52 6.74
N CYS B 150 11.84 2.86 7.44
CA CYS B 150 12.18 1.82 8.38
C CYS B 150 12.88 0.71 7.60
N ARG B 151 14.09 0.33 8.04
CA ARG B 151 14.89 -0.67 7.38
C ARG B 151 15.55 -1.54 8.42
N ASN B 152 16.00 -2.71 7.97
CA ASN B 152 16.80 -3.59 8.83
C ASN B 152 18.04 -4.00 8.02
N PRO B 153 18.95 -3.03 7.77
CA PRO B 153 20.08 -3.17 6.86
C PRO B 153 21.02 -4.31 7.23
N ARG B 154 21.13 -4.60 8.52
CA ARG B 154 22.02 -5.65 9.02
C ARG B 154 21.31 -6.99 9.33
N GLY B 155 20.03 -7.09 8.96
CA GLY B 155 19.26 -8.32 9.16
C GLY B 155 19.22 -8.79 10.61
N GLU B 156 18.95 -7.85 11.49
CA GLU B 156 18.99 -8.15 12.89
C GLU B 156 17.63 -8.57 13.43
N GLU B 157 17.68 -9.41 14.46
CA GLU B 157 16.54 -9.73 15.30
C GLU B 157 15.94 -8.42 15.76
N GLY B 158 14.66 -8.25 15.51
CA GLY B 158 14.00 -6.97 15.86
C GLY B 158 13.25 -6.39 14.69
N GLY B 159 13.66 -6.75 13.49
CA GLY B 159 12.98 -6.33 12.26
C GLY B 159 13.33 -4.88 11.92
N PRO B 160 12.69 -4.33 10.87
CA PRO B 160 12.96 -2.96 10.42
C PRO B 160 12.87 -1.92 11.57
N TRP B 161 13.73 -0.91 11.50
CA TRP B 161 13.87 0.11 12.55
C TRP B 161 14.32 1.41 11.90
N CYS B 162 14.44 2.48 12.68
CA CYS B 162 15.04 3.71 12.17
C CYS B 162 15.67 4.56 13.30
N PHE B 163 16.64 5.41 12.96
CA PHE B 163 16.95 6.49 13.89
C PHE B 163 15.73 7.37 13.95
N THR B 164 15.49 7.94 15.12
CA THR B 164 14.28 8.66 15.43
C THR B 164 14.52 10.19 15.41
N SER B 165 13.51 10.95 15.01
CA SER B 165 13.64 12.43 15.00
C SER B 165 13.40 13.08 16.38
N ASN B 166 13.11 12.28 17.41
CA ASN B 166 13.11 12.71 18.80
C ASN B 166 14.53 12.63 19.32
N PRO B 167 15.12 13.78 19.71
CA PRO B 167 16.51 13.72 20.17
C PRO B 167 16.69 12.81 21.38
N GLU B 168 15.60 12.55 22.11
CA GLU B 168 15.59 11.67 23.28
C GLU B 168 15.65 10.19 22.91
N VAL B 169 15.12 9.81 21.75
CA VAL B 169 15.03 8.41 21.37
C VAL B 169 15.93 8.17 20.18
N ARG B 170 17.13 7.66 20.42
CA ARG B 170 18.07 7.45 19.34
C ARG B 170 17.46 6.64 18.17
N TYR B 171 16.93 5.46 18.49
CA TYR B 171 16.34 4.56 17.48
C TYR B 171 15.19 3.76 18.09
N GLU B 172 14.30 3.28 17.23
CA GLU B 172 13.22 2.39 17.66
C GLU B 172 12.84 1.49 16.50
N VAL B 173 12.27 0.33 16.84
CA VAL B 173 11.72 -0.59 15.83
C VAL B 173 10.48 0.01 15.24
N CYS B 174 10.21 -0.30 13.98
CA CYS B 174 8.91 0.03 13.38
C CYS B 174 8.02 -1.22 13.40
N ASP B 175 6.73 -1.00 13.48
CA ASP B 175 5.77 -2.07 13.73
C ASP B 175 5.25 -2.56 12.37
N ILE B 176 6.04 -3.36 11.64
CA ILE B 176 5.58 -3.85 10.34
C ILE B 176 5.20 -5.33 10.39
N PRO B 177 3.98 -5.65 9.95
CA PRO B 177 3.44 -7.01 10.10
C PRO B 177 4.19 -8.07 9.29
N GLN B 178 4.30 -9.25 9.87
CA GLN B 178 4.89 -10.41 9.20
C GLN B 178 3.92 -10.79 8.07
N CYS B 179 4.40 -11.18 6.89
CA CYS B 179 3.49 -11.54 5.79
C CYS B 179 2.68 -12.78 6.14
N SER B 180 3.33 -13.77 6.74
CA SER B 180 2.65 -15.02 7.04
C SER B 180 3.20 -15.66 8.30
N GLU B 181 2.40 -15.65 9.36
CA GLU B 181 2.78 -16.29 10.61
C GLU B 181 1.57 -16.90 11.27
N VAL B 182 1.49 -18.23 11.20
CA VAL B 182 0.41 -19.00 11.81
C VAL B 182 0.95 -19.76 13.02
S CXS C . -19.44 -16.15 -13.56
O1 CXS C . -20.49 -15.24 -13.02
O2 CXS C . -19.57 -17.52 -12.98
O3 CXS C . -19.47 -16.18 -15.00
C1 CXS C . -17.82 -15.50 -13.00
C2 CXS C . -16.77 -16.62 -12.96
C3 CXS C . -15.35 -16.05 -12.98
N CXS C . -14.54 -16.81 -12.01
C4 CXS C . -13.24 -17.24 -12.50
C5 CXS C . -12.51 -17.90 -11.29
C6 CXS C . -11.03 -18.11 -11.50
C7 CXS C . -10.31 -16.84 -11.99
C8 CXS C . -10.95 -16.32 -13.27
C9 CXS C . -12.44 -16.02 -13.04
S CXS D . 23.38 2.15 16.41
O1 CXS D . 24.45 1.24 16.63
O2 CXS D . 22.87 2.73 17.70
O3 CXS D . 23.87 3.26 15.51
C1 CXS D . 22.03 1.27 15.58
C2 CXS D . 21.27 0.29 16.48
C3 CXS D . 20.25 -0.44 15.61
N CXS D . 19.94 -1.76 16.18
C4 CXS D . 18.56 -2.11 15.85
C5 CXS D . 17.72 -1.95 17.11
C6 CXS D . 16.28 -2.34 16.80
C7 CXS D . 16.26 -3.83 16.52
C8 CXS D . 17.09 -4.16 15.27
C9 CXS D . 18.51 -3.56 15.33
#